data_6WV5
#
_entry.id   6WV5
#
_cell.length_a   88.927
_cell.length_b   88.927
_cell.length_c   229.889
_cell.angle_alpha   90.000
_cell.angle_beta   90.000
_cell.angle_gamma   120.000
#
_symmetry.space_group_name_H-M   'H 3'
#
loop_
_entity.id
_entity.type
_entity.pdbx_description
1 polymer 'Vitamin K epoxide reductase Cys43Ser mutant, termini restrained by green fluorescent protein'
2 non-polymer (2R,3R)-2-hydroxy-3-methyl-2-[(2E,7S)-3,7,11,15-tetramethylhexadec-2-en-1-yl]-2,3-dihydronaphthalene-1,4-dione
#
_entity_poly.entity_id   1
_entity_poly.type   'polypeptide(L)'
_entity_poly.pdbx_seq_one_letter_code
;MSKGEELFTGVVPILVELDGDVNGHKFSVRGEGEGDATNGKLTLKFICTTGKLPVPWPTLVTTL(CRO)VQCFSRYPDHM
KRHDFFKSAMPEGYVQERTISFKDDGTYKTRAEVKFEGDTLVNRIELKGIDFKEDGNILGHKLEYNSTWGSPGWVRLALC
LTGLVLSLYALHVKAARARDRDYRALSDVGTAISCSRVFSSRWGRGFGLVEHVLGQDSILNQSNSIFGCIFYTLQLLLGC
LRTRWASVLMLLSSLVSLAGSVYLAWILFFVLYDFCIVCITTYAINVSLMWLSFRKVQENSHNVYITADKQKNGIKANFK
IRHNVEDGSVQLADHYQQNTPIGDGPVLLPDNHYLSTQSVLSKDPNEKRDHMVLLEFVTAAGITHHHHHHHHHH
;
_entity_poly.pdbx_strand_id   A
#
loop_
_chem_comp.id
_chem_comp.type
_chem_comp.name
_chem_comp.formula
UAV non-polymer (2R,3R)-2-hydroxy-3-methyl-2-[(2E,7S)-3,7,11,15-tetramethylhexadec-2-en-1-yl]-2,3-dihydronaphthalene-1,4-dione 'C31 H48 O3'
#
# COMPACT_ATOMS: atom_id res chain seq x y z
N LYS A 3 -1.51 -33.60 -9.81
CA LYS A 3 -2.90 -33.21 -9.70
C LYS A 3 -3.37 -32.57 -10.99
N GLY A 4 -3.77 -31.30 -10.89
CA GLY A 4 -4.04 -30.47 -12.04
C GLY A 4 -2.89 -29.60 -12.45
N GLU A 5 -1.71 -29.77 -11.85
CA GLU A 5 -0.55 -28.98 -12.25
C GLU A 5 -0.18 -29.21 -13.70
N GLU A 6 -0.40 -30.44 -14.20
CA GLU A 6 -0.11 -30.75 -15.60
C GLU A 6 -0.76 -29.78 -16.57
N LEU A 7 -1.84 -29.11 -16.16
CA LEU A 7 -2.55 -28.20 -17.04
C LEU A 7 -1.87 -26.84 -17.16
N PHE A 8 -1.03 -26.47 -16.21
CA PHE A 8 -0.44 -25.13 -16.15
C PHE A 8 1.03 -25.11 -16.57
N THR A 9 1.55 -26.19 -17.12
CA THR A 9 2.85 -26.12 -17.78
C THR A 9 2.74 -25.29 -19.04
N GLY A 10 3.78 -24.52 -19.34
CA GLY A 10 3.67 -23.64 -20.49
C GLY A 10 2.70 -22.50 -20.24
N VAL A 11 2.06 -22.04 -21.32
CA VAL A 11 1.17 -20.89 -21.27
C VAL A 11 -0.27 -21.36 -21.49
N VAL A 12 -1.20 -20.66 -20.85
CA VAL A 12 -2.62 -21.01 -20.95
C VAL A 12 -3.44 -19.75 -21.28
N PRO A 13 -4.30 -19.81 -22.29
CA PRO A 13 -5.14 -18.64 -22.61
C PRO A 13 -6.12 -18.35 -21.49
N ILE A 14 -6.53 -17.09 -21.40
CA ILE A 14 -7.35 -16.61 -20.29
C ILE A 14 -8.49 -15.76 -20.84
N LEU A 15 -9.71 -16.05 -20.40
CA LEU A 15 -10.90 -15.29 -20.72
C LEU A 15 -11.60 -14.91 -19.42
N VAL A 16 -11.91 -13.63 -19.25
CA VAL A 16 -12.55 -13.10 -18.06
C VAL A 16 -13.79 -12.32 -18.48
N GLU A 17 -14.93 -12.61 -17.84
CA GLU A 17 -16.16 -11.86 -18.09
C GLU A 17 -16.80 -11.49 -16.78
N LEU A 18 -17.04 -10.19 -16.58
CA LEU A 18 -17.61 -9.68 -15.34
C LEU A 18 -18.93 -8.98 -15.62
N ASP A 19 -19.97 -9.37 -14.88
CA ASP A 19 -21.28 -8.74 -14.91
C ASP A 19 -21.48 -8.02 -13.59
N GLY A 20 -21.51 -6.69 -13.63
CA GLY A 20 -21.48 -5.91 -12.41
C GLY A 20 -22.63 -4.91 -12.32
N ASP A 21 -23.04 -4.64 -11.09
CA ASP A 21 -24.06 -3.64 -10.79
C ASP A 21 -23.67 -2.95 -9.50
N VAL A 22 -23.28 -1.68 -9.59
CA VAL A 22 -22.84 -0.91 -8.43
C VAL A 22 -23.76 0.29 -8.27
N ASN A 23 -24.56 0.30 -7.20
CA ASN A 23 -25.48 1.41 -6.92
C ASN A 23 -26.40 1.67 -8.12
N GLY A 24 -26.89 0.60 -8.73
CA GLY A 24 -27.72 0.71 -9.91
C GLY A 24 -26.99 0.90 -11.22
N HIS A 25 -25.73 1.31 -11.18
CA HIS A 25 -24.94 1.42 -12.41
C HIS A 25 -24.57 0.02 -12.90
N LYS A 26 -25.18 -0.41 -14.00
CA LYS A 26 -24.91 -1.71 -14.57
C LYS A 26 -23.79 -1.61 -15.60
N PHE A 27 -22.89 -2.58 -15.59
CA PHE A 27 -21.77 -2.59 -16.53
C PHE A 27 -21.28 -4.01 -16.71
N SER A 28 -20.51 -4.22 -17.77
CA SER A 28 -19.90 -5.50 -18.07
C SER A 28 -18.47 -5.27 -18.54
N VAL A 29 -17.56 -6.14 -18.12
CA VAL A 29 -16.15 -6.04 -18.49
C VAL A 29 -15.73 -7.35 -19.14
N ARG A 30 -14.91 -7.27 -20.17
CA ARG A 30 -14.39 -8.44 -20.85
C ARG A 30 -12.88 -8.30 -21.01
N GLY A 31 -12.15 -9.33 -20.59
CA GLY A 31 -10.72 -9.33 -20.72
C GLY A 31 -10.18 -10.61 -21.29
N GLU A 32 -9.11 -10.53 -22.07
CA GLU A 32 -8.46 -11.71 -22.65
C GLU A 32 -6.96 -11.59 -22.48
N GLY A 33 -6.30 -12.72 -22.29
CA GLY A 33 -4.87 -12.68 -22.10
C GLY A 33 -4.25 -14.05 -22.02
N GLU A 34 -3.07 -14.12 -21.41
CA GLU A 34 -2.31 -15.34 -21.24
C GLU A 34 -1.76 -15.43 -19.83
N GLY A 35 -1.71 -16.66 -19.32
CA GLY A 35 -1.16 -16.93 -18.01
C GLY A 35 -0.06 -17.96 -18.03
N ASP A 36 1.05 -17.65 -17.37
CA ASP A 36 2.22 -18.54 -17.27
C ASP A 36 2.42 -18.86 -15.79
N ALA A 37 1.92 -20.02 -15.36
CA ALA A 37 2.11 -20.44 -13.98
C ALA A 37 3.54 -20.84 -13.70
N THR A 38 4.32 -21.16 -14.74
CA THR A 38 5.72 -21.50 -14.54
C THR A 38 6.50 -20.33 -13.96
N ASN A 39 6.17 -19.11 -14.39
CA ASN A 39 6.81 -17.91 -13.88
C ASN A 39 5.89 -17.08 -12.98
N GLY A 40 4.66 -17.53 -12.75
CA GLY A 40 3.71 -16.73 -12.02
C GLY A 40 3.32 -15.45 -12.70
N LYS A 41 3.44 -15.39 -14.03
CA LYS A 41 3.19 -14.17 -14.78
C LYS A 41 1.81 -14.19 -15.42
N LEU A 42 1.21 -13.01 -15.54
CA LEU A 42 -0.17 -12.88 -16.00
C LEU A 42 -0.27 -11.62 -16.84
N THR A 43 -0.72 -11.75 -18.08
CA THR A 43 -0.89 -10.60 -18.97
C THR A 43 -2.30 -10.60 -19.52
N LEU A 44 -3.05 -9.55 -19.26
CA LEU A 44 -4.43 -9.50 -19.73
C LEU A 44 -4.81 -8.08 -20.14
N LYS A 45 -5.68 -7.99 -21.15
CA LYS A 45 -6.27 -6.72 -21.56
C LYS A 45 -7.77 -6.77 -21.29
N PHE A 46 -8.27 -5.77 -20.57
CA PHE A 46 -9.68 -5.64 -20.25
C PHE A 46 -10.26 -4.42 -20.94
N ILE A 47 -11.54 -4.53 -21.32
CA ILE A 47 -12.30 -3.41 -21.86
C ILE A 47 -13.71 -3.47 -21.29
N CYS A 48 -14.29 -2.28 -21.11
CA CYS A 48 -15.68 -2.16 -20.65
C CYS A 48 -16.58 -2.17 -21.88
N THR A 49 -17.27 -3.29 -22.10
CA THR A 49 -18.08 -3.47 -23.30
C THR A 49 -19.35 -2.64 -23.32
N THR A 50 -19.66 -1.90 -22.25
CA THR A 50 -20.91 -1.14 -22.15
C THR A 50 -20.69 0.37 -22.20
N GLY A 51 -19.44 0.83 -22.31
CA GLY A 51 -19.13 2.24 -22.37
C GLY A 51 -18.12 2.60 -21.29
N LYS A 52 -18.29 3.81 -20.73
CA LYS A 52 -17.45 4.26 -19.63
C LYS A 52 -17.68 3.41 -18.39
N LEU A 53 -16.60 3.00 -17.75
CA LEU A 53 -16.70 2.20 -16.54
C LEU A 53 -17.17 3.06 -15.38
N PRO A 54 -18.16 2.62 -14.60
CA PRO A 54 -18.65 3.45 -13.49
C PRO A 54 -17.78 3.41 -12.25
N VAL A 55 -16.70 2.64 -12.25
CA VAL A 55 -15.79 2.56 -11.09
C VAL A 55 -14.37 2.55 -11.58
N PRO A 56 -13.45 3.13 -10.79
CA PRO A 56 -12.04 3.15 -11.19
C PRO A 56 -11.51 1.74 -11.40
N TRP A 57 -10.67 1.59 -12.43
CA TRP A 57 -10.18 0.26 -12.78
C TRP A 57 -9.46 -0.44 -11.63
N PRO A 58 -8.59 0.21 -10.85
CA PRO A 58 -7.88 -0.53 -9.79
C PRO A 58 -8.79 -1.19 -8.78
N THR A 59 -10.02 -0.71 -8.61
CA THR A 59 -10.96 -1.33 -7.69
C THR A 59 -11.49 -2.67 -8.19
N LEU A 60 -11.12 -3.09 -9.40
CA LEU A 60 -11.55 -4.36 -9.96
C LEU A 60 -10.40 -5.32 -10.23
N VAL A 61 -9.16 -4.93 -9.95
CA VAL A 61 -8.02 -5.78 -10.28
C VAL A 61 -8.12 -7.12 -9.55
N THR A 62 -8.56 -7.09 -8.29
CA THR A 62 -8.59 -8.32 -7.50
C THR A 62 -9.69 -9.26 -7.98
N THR A 63 -10.86 -8.73 -8.34
CA THR A 63 -11.93 -9.60 -8.83
C THR A 63 -11.64 -10.10 -10.24
N LEU A 64 -11.08 -9.26 -11.09
CA LEU A 64 -10.67 -9.67 -12.43
C LEU A 64 -9.39 -10.50 -12.38
N1 CRO A 65 -8.25 -10.11 -11.46
CA1 CRO A 65 -7.39 -11.28 -11.34
CB1 CRO A 65 -5.99 -10.94 -11.87
CG1 CRO A 65 -6.08 -10.61 -13.36
OG1 CRO A 65 -5.46 -9.85 -11.18
C1 CRO A 65 -7.29 -11.71 -9.88
N2 CRO A 65 -6.33 -11.23 -8.95
N3 CRO A 65 -8.17 -12.69 -9.27
C2 CRO A 65 -7.72 -12.80 -7.86
O2 CRO A 65 -8.20 -13.50 -7.02
CA2 CRO A 65 -6.53 -11.85 -7.68
CA3 CRO A 65 -9.28 -13.40 -9.90
C3 CRO A 65 -9.05 -14.90 -9.80
O3 CRO A 65 -9.81 -15.71 -10.39
CB2 CRO A 65 -5.85 -11.66 -6.57
CG2 CRO A 65 -5.10 -10.37 -6.23
CD1 CRO A 65 -4.86 -9.41 -7.20
CD2 CRO A 65 -4.66 -10.16 -4.93
CE1 CRO A 65 -4.18 -8.24 -6.87
CE2 CRO A 65 -3.98 -9.00 -4.61
CZ CRO A 65 -3.75 -8.04 -5.57
OH CRO A 65 -3.06 -6.86 -5.24
N VAL A 66 -8.12 -15.01 -10.76
CA VAL A 66 -7.53 -16.22 -11.30
C VAL A 66 -6.19 -16.51 -10.60
N GLN A 67 -6.30 -16.94 -9.35
CA GLN A 67 -5.13 -17.25 -8.53
C GLN A 67 -4.56 -18.63 -8.80
N CYS A 68 -5.09 -19.36 -9.77
CA CYS A 68 -4.54 -20.66 -10.12
C CYS A 68 -3.19 -20.54 -10.82
N PHE A 69 -2.83 -19.35 -11.28
CA PHE A 69 -1.57 -19.12 -12.00
C PHE A 69 -0.45 -18.65 -11.08
N SER A 70 -0.63 -18.78 -9.77
CA SER A 70 0.41 -18.38 -8.83
C SER A 70 1.58 -19.35 -8.87
N ARG A 71 2.79 -18.81 -8.77
CA ARG A 71 3.99 -19.65 -8.77
C ARG A 71 4.22 -20.17 -7.37
N TYR A 72 3.88 -21.44 -7.16
CA TYR A 72 4.17 -22.12 -5.90
C TYR A 72 5.53 -22.80 -6.01
N PRO A 73 6.49 -22.46 -5.15
CA PRO A 73 7.79 -23.15 -5.19
C PRO A 73 7.65 -24.66 -5.13
N ASP A 74 8.73 -25.37 -5.44
CA ASP A 74 8.64 -26.83 -5.49
C ASP A 74 8.24 -27.43 -4.15
N HIS A 75 8.67 -26.82 -3.05
CA HIS A 75 8.40 -27.37 -1.72
C HIS A 75 7.00 -27.07 -1.22
N MET A 76 6.23 -26.24 -1.93
CA MET A 76 4.87 -25.89 -1.53
C MET A 76 3.83 -26.41 -2.52
N LYS A 77 4.22 -27.30 -3.43
CA LYS A 77 3.31 -27.74 -4.48
C LYS A 77 2.01 -28.32 -3.91
N ARG A 78 2.10 -29.04 -2.79
CA ARG A 78 0.93 -29.68 -2.22
C ARG A 78 0.01 -28.72 -1.47
N HIS A 79 0.35 -27.43 -1.44
CA HIS A 79 -0.52 -26.42 -0.87
C HIS A 79 -1.22 -25.59 -1.94
N ASP A 80 -1.25 -26.08 -3.18
CA ASP A 80 -1.84 -25.38 -4.32
C ASP A 80 -3.26 -25.89 -4.53
N PHE A 81 -4.17 -25.44 -3.67
CA PHE A 81 -5.58 -25.79 -3.81
C PHE A 81 -6.11 -25.37 -5.18
N PHE A 82 -5.71 -24.17 -5.64
CA PHE A 82 -6.23 -23.64 -6.89
C PHE A 82 -6.00 -24.61 -8.05
N LYS A 83 -4.74 -24.95 -8.33
CA LYS A 83 -4.44 -25.85 -9.44
C LYS A 83 -5.05 -27.23 -9.21
N SER A 84 -5.00 -27.72 -7.97
CA SER A 84 -5.60 -29.02 -7.67
C SER A 84 -7.10 -29.03 -7.97
N ALA A 85 -7.74 -27.86 -7.96
CA ALA A 85 -9.17 -27.79 -8.23
C ALA A 85 -9.51 -27.89 -9.71
N MET A 86 -8.52 -27.83 -10.60
CA MET A 86 -8.79 -27.94 -12.02
C MET A 86 -8.83 -29.40 -12.45
N PRO A 87 -9.45 -29.68 -13.62
CA PRO A 87 -10.06 -28.68 -14.49
C PRO A 87 -11.52 -28.35 -14.12
N GLU A 88 -12.10 -29.11 -13.19
CA GLU A 88 -13.48 -28.85 -12.79
C GLU A 88 -13.68 -27.39 -12.43
N GLY A 89 -12.76 -26.82 -11.67
CA GLY A 89 -12.82 -25.42 -11.30
C GLY A 89 -13.32 -25.23 -9.88
N TYR A 90 -13.26 -23.97 -9.43
CA TYR A 90 -13.71 -23.61 -8.10
C TYR A 90 -14.57 -22.36 -8.17
N VAL A 91 -15.30 -22.12 -7.08
CA VAL A 91 -16.16 -20.96 -6.91
C VAL A 91 -15.53 -20.06 -5.86
N GLN A 92 -15.19 -18.84 -6.27
CA GLN A 92 -14.52 -17.87 -5.42
C GLN A 92 -15.47 -16.70 -5.17
N GLU A 93 -15.90 -16.55 -3.92
CA GLU A 93 -16.73 -15.44 -3.50
C GLU A 93 -15.91 -14.48 -2.64
N ARG A 94 -16.23 -13.19 -2.75
CA ARG A 94 -15.47 -12.18 -2.01
C ARG A 94 -16.42 -11.09 -1.51
N THR A 95 -16.15 -10.63 -0.29
CA THR A 95 -16.74 -9.42 0.27
C THR A 95 -15.63 -8.39 0.41
N ILE A 96 -15.78 -7.27 -0.30
CA ILE A 96 -14.81 -6.19 -0.34
C ILE A 96 -15.46 -4.96 0.31
N SER A 97 -15.06 -4.63 1.53
CA SER A 97 -15.56 -3.46 2.23
C SER A 97 -14.61 -2.29 2.00
N PHE A 98 -15.12 -1.20 1.42
CA PHE A 98 -14.32 -0.01 1.19
C PHE A 98 -14.46 0.92 2.39
N LYS A 99 -13.33 1.23 3.03
CA LYS A 99 -13.35 2.03 4.25
C LYS A 99 -14.02 3.37 3.99
N ASP A 100 -15.00 3.72 4.82
CA ASP A 100 -15.78 4.94 4.71
C ASP A 100 -16.66 4.97 3.47
N ASP A 101 -16.76 3.87 2.73
CA ASP A 101 -17.58 3.85 1.53
C ASP A 101 -18.41 2.57 1.43
N GLY A 102 -18.66 2.08 0.21
CA GLY A 102 -19.57 1.00 -0.05
C GLY A 102 -18.90 -0.37 -0.06
N THR A 103 -19.62 -1.34 -0.63
CA THR A 103 -19.20 -2.74 -0.59
C THR A 103 -19.35 -3.38 -1.97
N TYR A 104 -18.42 -4.27 -2.29
CA TYR A 104 -18.53 -5.19 -3.40
C TYR A 104 -18.84 -6.59 -2.86
N LYS A 105 -19.77 -7.28 -3.49
CA LYS A 105 -20.00 -8.71 -3.27
C LYS A 105 -19.84 -9.42 -4.60
N THR A 106 -18.93 -10.40 -4.65
CA THR A 106 -18.58 -11.05 -5.90
C THR A 106 -18.69 -12.56 -5.77
N ARG A 107 -19.22 -13.20 -6.80
CA ARG A 107 -19.25 -14.65 -6.91
C ARG A 107 -18.75 -15.02 -8.31
N ALA A 108 -17.65 -15.75 -8.36
CA ALA A 108 -17.04 -16.11 -9.63
C ALA A 108 -16.85 -17.62 -9.71
N GLU A 109 -16.98 -18.14 -10.92
CA GLU A 109 -16.63 -19.52 -11.23
C GLU A 109 -15.40 -19.49 -12.14
N VAL A 110 -14.32 -20.14 -11.68
CA VAL A 110 -13.09 -20.25 -12.43
C VAL A 110 -12.94 -21.70 -12.84
N LYS A 111 -12.88 -21.95 -14.14
CA LYS A 111 -12.85 -23.33 -14.63
C LYS A 111 -12.24 -23.34 -16.02
N PHE A 112 -11.88 -24.54 -16.47
CA PHE A 112 -11.39 -24.73 -17.83
C PHE A 112 -12.56 -24.94 -18.78
N GLU A 113 -12.53 -24.23 -19.91
CA GLU A 113 -13.53 -24.37 -20.96
C GLU A 113 -12.78 -24.65 -22.26
N GLY A 114 -12.35 -25.90 -22.41
CA GLY A 114 -11.48 -26.29 -23.51
C GLY A 114 -10.03 -26.01 -23.18
N ASP A 115 -9.37 -25.17 -23.98
CA ASP A 115 -8.00 -24.76 -23.70
C ASP A 115 -7.93 -23.47 -22.89
N THR A 116 -9.07 -22.83 -22.62
CA THR A 116 -9.09 -21.49 -22.05
C THR A 116 -9.50 -21.55 -20.58
N LEU A 117 -8.67 -20.94 -19.73
CA LEU A 117 -9.07 -20.69 -18.34
C LEU A 117 -10.07 -19.55 -18.32
N VAL A 118 -11.26 -19.81 -17.76
CA VAL A 118 -12.37 -18.88 -17.79
C VAL A 118 -12.69 -18.45 -16.37
N ASN A 119 -12.79 -17.14 -16.16
CA ASN A 119 -13.24 -16.54 -14.91
C ASN A 119 -14.54 -15.80 -15.20
N ARG A 120 -15.67 -16.35 -14.76
CA ARG A 120 -16.97 -15.73 -14.95
C ARG A 120 -17.44 -15.16 -13.61
N ILE A 121 -17.69 -13.85 -13.57
CA ILE A 121 -17.86 -13.12 -12.32
C ILE A 121 -19.19 -12.40 -12.32
N GLU A 122 -19.88 -12.46 -11.18
CA GLU A 122 -21.03 -11.61 -10.90
C GLU A 122 -20.69 -10.73 -9.70
N LEU A 123 -20.83 -9.42 -9.88
CA LEU A 123 -20.44 -8.46 -8.85
C LEU A 123 -21.56 -7.47 -8.61
N LYS A 124 -21.77 -7.13 -7.34
CA LYS A 124 -22.78 -6.15 -6.97
C LYS A 124 -22.27 -5.31 -5.82
N GLY A 125 -22.17 -4.00 -6.01
CA GLY A 125 -21.77 -3.10 -4.96
C GLY A 125 -22.97 -2.32 -4.44
N ILE A 126 -22.99 -2.11 -3.12
CA ILE A 126 -24.08 -1.42 -2.46
C ILE A 126 -23.49 -0.37 -1.51
N ASP A 127 -24.27 0.68 -1.26
CA ASP A 127 -23.98 1.65 -0.21
C ASP A 127 -22.73 2.48 -0.51
N PHE A 128 -22.40 2.60 -1.80
CA PHE A 128 -21.37 3.54 -2.22
C PHE A 128 -21.96 4.94 -2.31
N LYS A 129 -21.22 5.92 -1.78
CA LYS A 129 -21.60 7.32 -1.92
C LYS A 129 -21.06 7.85 -3.25
N GLU A 130 -21.96 8.35 -4.08
CA GLU A 130 -21.62 8.74 -5.45
C GLU A 130 -20.65 9.92 -5.52
N ASP A 131 -20.49 10.67 -4.44
CA ASP A 131 -19.47 11.71 -4.36
C ASP A 131 -18.11 11.17 -3.96
N GLY A 132 -18.01 9.89 -3.61
CA GLY A 132 -16.80 9.34 -3.06
C GLY A 132 -15.72 9.08 -4.09
N ASN A 133 -14.65 8.43 -3.62
CA ASN A 133 -13.49 8.18 -4.47
C ASN A 133 -13.77 7.11 -5.51
N ILE A 134 -14.75 6.24 -5.29
CA ILE A 134 -15.04 5.16 -6.22
C ILE A 134 -15.96 5.68 -7.33
N LEU A 135 -17.20 6.00 -6.97
CA LEU A 135 -18.15 6.50 -7.95
C LEU A 135 -17.82 7.92 -8.42
N GLY A 136 -16.88 8.59 -7.76
CA GLY A 136 -16.39 9.88 -8.20
C GLY A 136 -15.14 9.82 -9.04
N HIS A 137 -14.55 8.63 -9.22
CA HIS A 137 -13.33 8.48 -10.02
C HIS A 137 -12.23 9.39 -9.50
N LYS A 138 -12.02 9.34 -8.18
CA LYS A 138 -11.01 10.16 -7.52
C LYS A 138 -9.73 9.37 -7.24
N LEU A 139 -9.64 8.12 -7.68
CA LEU A 139 -8.47 7.31 -7.41
C LEU A 139 -7.36 7.62 -8.41
N GLU A 140 -6.24 6.92 -8.26
CA GLU A 140 -5.12 7.01 -9.18
C GLU A 140 -4.98 5.69 -9.93
N TYR A 141 -5.20 5.74 -11.25
CA TYR A 141 -4.61 4.72 -12.08
C TYR A 141 -3.10 4.74 -11.86
N ASN A 142 -2.38 3.77 -12.41
CA ASN A 142 -0.94 3.71 -12.17
C ASN A 142 -0.32 5.09 -12.31
N SER A 143 0.49 5.48 -11.32
CA SER A 143 0.93 6.87 -11.23
C SER A 143 2.22 6.92 -10.43
N THR A 144 3.08 7.88 -10.80
CA THR A 144 4.41 8.03 -10.20
C THR A 144 4.47 9.17 -9.25
N TRP A 145 4.42 10.42 -9.73
CA TRP A 145 4.37 11.60 -8.87
C TRP A 145 2.92 11.90 -8.47
N GLY A 146 2.72 12.28 -7.21
CA GLY A 146 1.41 12.55 -6.69
C GLY A 146 1.45 13.55 -5.55
N SER A 147 0.27 13.88 -5.03
CA SER A 147 0.18 14.81 -3.92
C SER A 147 0.51 14.12 -2.61
N PRO A 148 1.08 14.83 -1.64
CA PRO A 148 1.40 14.21 -0.35
C PRO A 148 0.23 14.16 0.63
N GLY A 149 -0.90 14.76 0.30
CA GLY A 149 -2.01 14.80 1.24
C GLY A 149 -1.91 15.99 2.17
N TRP A 150 -3.08 16.52 2.54
CA TRP A 150 -3.09 17.73 3.36
C TRP A 150 -2.53 17.47 4.76
N VAL A 151 -2.69 16.26 5.29
CA VAL A 151 -2.12 15.93 6.59
C VAL A 151 -0.59 16.03 6.53
N ARG A 152 0.02 15.35 5.57
CA ARG A 152 1.47 15.39 5.46
C ARG A 152 1.97 16.79 5.11
N LEU A 153 1.31 17.45 4.16
CA LEU A 153 1.72 18.81 3.80
C LEU A 153 1.68 19.72 5.03
N ALA A 154 0.64 19.60 5.85
CA ALA A 154 0.53 20.42 7.04
C ALA A 154 1.62 20.07 8.05
N LEU A 155 1.86 18.78 8.27
CA LEU A 155 2.86 18.38 9.26
C LEU A 155 4.25 18.85 8.86
N CYS A 156 4.63 18.64 7.60
CA CYS A 156 5.97 19.01 7.15
C CYS A 156 6.13 20.51 7.03
N LEU A 157 5.10 21.22 6.55
CA LEU A 157 5.18 22.67 6.49
C LEU A 157 5.30 23.26 7.89
N THR A 158 4.56 22.71 8.85
CA THR A 158 4.66 23.17 10.22
C THR A 158 6.06 22.94 10.77
N GLY A 159 6.56 21.70 10.66
CA GLY A 159 7.89 21.42 11.14
C GLY A 159 8.94 22.32 10.54
N LEU A 160 8.83 22.59 9.23
CA LEU A 160 9.79 23.48 8.57
C LEU A 160 9.68 24.90 9.13
N VAL A 161 8.46 25.40 9.31
CA VAL A 161 8.28 26.75 9.83
C VAL A 161 8.87 26.87 11.23
N LEU A 162 8.65 25.86 12.08
CA LEU A 162 9.23 25.90 13.42
C LEU A 162 10.75 25.77 13.38
N SER A 163 11.29 25.04 12.41
CA SER A 163 12.75 24.98 12.25
C SER A 163 13.31 26.37 11.94
N LEU A 164 12.89 26.95 10.81
CA LEU A 164 13.37 28.28 10.45
C LEU A 164 13.17 29.27 11.60
N TYR A 165 12.03 29.17 12.29
CA TYR A 165 11.78 30.03 13.44
C TYR A 165 12.87 29.84 14.49
N ALA A 166 13.18 28.58 14.83
CA ALA A 166 14.25 28.33 15.78
C ALA A 166 15.53 29.05 15.36
N LEU A 167 15.92 28.88 14.11
CA LEU A 167 17.10 29.60 13.62
C LEU A 167 16.98 31.09 13.90
N HIS A 168 15.83 31.68 13.56
CA HIS A 168 15.64 33.11 13.78
C HIS A 168 15.84 33.48 15.25
N VAL A 169 15.23 32.73 16.16
CA VAL A 169 15.33 33.06 17.58
C VAL A 169 16.79 33.01 18.04
N LYS A 170 17.51 31.95 17.65
CA LYS A 170 18.95 31.91 17.91
C LYS A 170 19.60 33.22 17.48
N ALA A 171 19.40 33.60 16.21
CA ALA A 171 19.99 34.82 15.69
C ALA A 171 19.67 36.03 16.57
N ALA A 172 18.41 36.15 17.00
CA ALA A 172 18.00 37.33 17.76
C ALA A 172 18.69 37.38 19.12
N ARG A 173 18.60 36.30 19.90
CA ARG A 173 19.25 36.31 21.20
C ARG A 173 20.74 36.62 21.06
N ALA A 174 21.38 36.07 20.02
CA ALA A 174 22.77 36.40 19.77
C ALA A 174 23.00 37.91 19.84
N ARG A 175 22.18 38.69 19.14
CA ARG A 175 22.34 40.14 19.15
C ARG A 175 22.00 40.72 20.52
N ASP A 176 20.84 40.35 21.09
CA ASP A 176 20.43 40.99 22.34
C ASP A 176 21.46 40.78 23.45
N ARG A 177 22.24 39.70 23.39
CA ARG A 177 23.25 39.48 24.41
C ARG A 177 24.34 40.53 24.36
N ASP A 178 24.78 40.89 23.14
CA ASP A 178 25.90 41.81 22.97
C ASP A 178 25.68 43.16 23.63
N TYR A 179 24.43 43.52 23.92
CA TYR A 179 24.11 44.77 24.61
C TYR A 179 23.94 44.57 26.11
N ARG A 180 24.74 43.67 26.69
CA ARG A 180 24.68 43.37 28.12
C ARG A 180 23.31 42.79 28.48
N SER A 190 9.74 33.18 27.21
CA SER A 190 9.31 31.79 27.13
C SER A 190 10.28 30.96 26.28
N CYS A 191 10.37 29.66 26.60
CA CYS A 191 11.16 28.73 25.79
C CYS A 191 12.60 29.23 25.62
N SER A 192 13.17 29.78 26.69
CA SER A 192 14.43 30.50 26.59
C SER A 192 15.66 29.69 26.99
N ARG A 193 15.53 28.71 27.90
CA ARG A 193 16.66 27.80 28.12
C ARG A 193 16.96 26.99 26.87
N VAL A 194 15.94 26.72 26.06
CA VAL A 194 16.10 25.85 24.90
C VAL A 194 16.78 26.58 23.74
N PHE A 195 16.54 27.89 23.63
CA PHE A 195 16.96 28.65 22.46
C PHE A 195 18.35 29.26 22.60
N SER A 196 19.04 29.03 23.71
CA SER A 196 20.48 29.21 23.80
C SER A 196 20.97 28.04 24.65
N SER A 197 21.02 26.86 24.04
CA SER A 197 21.41 25.62 24.70
C SER A 197 22.34 24.84 23.79
N ARG A 198 23.50 24.48 24.31
CA ARG A 198 24.46 23.74 23.49
C ARG A 198 23.91 22.38 23.09
N TRP A 199 22.73 21.98 23.59
CA TRP A 199 22.04 20.81 23.05
C TRP A 199 21.47 21.11 21.67
N GLY A 200 21.22 22.38 21.37
CA GLY A 200 20.55 22.77 20.14
C GLY A 200 21.43 22.72 18.91
N ARG A 201 22.63 22.16 19.06
CA ARG A 201 23.54 21.96 17.94
C ARG A 201 24.10 20.55 18.01
N GLY A 202 23.86 19.76 16.97
CA GLY A 202 24.31 18.38 16.95
C GLY A 202 23.69 17.49 18.01
N PHE A 203 22.57 17.90 18.61
CA PHE A 203 21.91 17.15 19.67
C PHE A 203 22.80 16.99 20.90
N GLY A 204 23.81 17.86 21.05
CA GLY A 204 24.73 17.78 22.16
C GLY A 204 25.56 16.51 22.15
N LEU A 205 25.51 15.77 21.05
CA LEU A 205 26.18 14.48 20.93
C LEU A 205 27.26 14.45 19.87
N VAL A 206 27.07 15.16 18.76
CA VAL A 206 28.04 15.12 17.67
C VAL A 206 29.41 15.59 18.16
N GLU A 207 29.43 16.71 18.89
CA GLU A 207 30.71 17.26 19.34
C GLU A 207 31.51 16.24 20.14
N HIS A 208 30.83 15.32 20.82
CA HIS A 208 31.53 14.29 21.59
C HIS A 208 31.98 13.13 20.73
N VAL A 209 31.28 12.86 19.62
CA VAL A 209 31.58 11.72 18.78
C VAL A 209 32.51 12.12 17.64
N LEU A 210 32.01 12.94 16.71
CA LEU A 210 32.79 13.35 15.55
C LEU A 210 33.63 14.60 15.79
N GLY A 211 33.43 15.29 16.89
CA GLY A 211 34.19 16.51 17.12
C GLY A 211 33.38 17.75 16.81
N GLN A 212 33.73 18.86 17.45
CA GLN A 212 32.95 20.07 17.32
C GLN A 212 33.02 20.64 15.91
N ASP A 213 34.20 20.57 15.29
CA ASP A 213 34.45 21.22 14.01
C ASP A 213 33.75 20.55 12.83
N SER A 214 33.22 19.34 13.00
CA SER A 214 32.61 18.63 11.88
C SER A 214 31.47 19.44 11.29
N ILE A 215 31.21 19.20 10.00
CA ILE A 215 30.06 19.81 9.34
C ILE A 215 28.76 19.09 9.70
N LEU A 216 28.85 17.85 10.18
CA LEU A 216 27.68 17.14 10.68
C LEU A 216 27.17 17.71 12.00
N ASN A 217 27.94 18.58 12.64
CA ASN A 217 27.52 19.23 13.89
C ASN A 217 26.75 20.51 13.59
N GLN A 218 25.59 20.33 12.93
CA GLN A 218 24.73 21.43 12.56
C GLN A 218 23.68 21.67 13.63
N SER A 219 23.01 22.82 13.54
CA SER A 219 21.88 23.10 14.41
C SER A 219 20.81 22.04 14.23
N ASN A 220 20.20 21.62 15.35
CA ASN A 220 19.06 20.73 15.27
C ASN A 220 18.05 21.25 14.24
N SER A 221 17.94 22.57 14.13
CA SER A 221 16.94 23.15 13.24
C SER A 221 17.27 22.92 11.77
N ILE A 222 18.56 22.83 11.43
CA ILE A 222 18.96 22.54 10.06
C ILE A 222 18.58 21.12 9.68
N PHE A 223 19.01 20.15 10.49
CA PHE A 223 18.53 18.78 10.32
C PHE A 223 17.01 18.74 10.28
N GLY A 224 16.34 19.71 10.92
CA GLY A 224 14.90 19.80 10.82
C GLY A 224 14.44 20.22 9.43
N CYS A 225 15.04 21.29 8.89
CA CYS A 225 14.73 21.69 7.53
C CYS A 225 14.90 20.53 6.56
N ILE A 226 16.07 19.89 6.58
CA ILE A 226 16.30 18.78 5.66
C ILE A 226 15.30 17.66 5.93
N PHE A 227 14.99 17.41 7.19
CA PHE A 227 14.10 16.29 7.53
C PHE A 227 12.71 16.52 6.98
N TYR A 228 12.12 17.69 7.25
CA TYR A 228 10.75 17.94 6.82
C TYR A 228 10.66 18.13 5.32
N THR A 229 11.66 18.78 4.72
CA THR A 229 11.69 18.86 3.26
C THR A 229 11.72 17.46 2.65
N LEU A 230 12.58 16.59 3.17
CA LEU A 230 12.66 15.21 2.66
C LEU A 230 11.36 14.46 2.85
N GLN A 231 10.75 14.57 4.04
CA GLN A 231 9.48 13.88 4.29
C GLN A 231 8.41 14.35 3.31
N LEU A 232 8.36 15.65 3.04
CA LEU A 232 7.36 16.15 2.11
C LEU A 232 7.64 15.68 0.69
N LEU A 233 8.91 15.63 0.29
CA LEU A 233 9.24 15.17 -1.06
C LEU A 233 8.94 13.68 -1.23
N LEU A 234 9.51 12.84 -0.36
CA LEU A 234 9.21 11.42 -0.41
C LEU A 234 7.72 11.16 -0.30
N GLY A 235 6.99 12.05 0.38
CA GLY A 235 5.54 11.95 0.40
C GLY A 235 4.90 11.99 -0.98
N CYS A 236 5.61 12.52 -1.98
CA CYS A 236 5.07 12.63 -3.32
C CYS A 236 5.34 11.41 -4.20
N LEU A 237 6.33 10.59 -3.84
CA LEU A 237 6.67 9.40 -4.61
C LEU A 237 5.82 8.21 -4.19
N ARG A 238 5.67 7.27 -5.13
CA ARG A 238 4.89 6.07 -4.91
C ARG A 238 5.72 4.80 -4.93
N THR A 239 7.03 4.91 -5.06
CA THR A 239 7.88 3.72 -5.12
C THR A 239 7.96 3.07 -3.75
N ARG A 240 8.71 1.97 -3.69
CA ARG A 240 8.97 1.29 -2.43
C ARG A 240 10.12 1.95 -1.66
N TRP A 241 11.21 2.27 -2.37
CA TRP A 241 12.35 2.89 -1.69
C TRP A 241 11.98 4.23 -1.08
N ALA A 242 10.96 4.90 -1.64
CA ALA A 242 10.44 6.12 -1.02
C ALA A 242 9.76 5.82 0.31
N SER A 243 8.97 4.76 0.37
CA SER A 243 8.31 4.39 1.62
C SER A 243 9.33 3.97 2.67
N VAL A 244 10.29 3.12 2.29
CA VAL A 244 11.27 2.64 3.26
C VAL A 244 12.18 3.78 3.71
N LEU A 245 12.68 4.57 2.77
CA LEU A 245 13.50 5.71 3.14
C LEU A 245 12.74 6.64 4.08
N MET A 246 11.47 6.90 3.77
CA MET A 246 10.62 7.68 4.67
C MET A 246 10.59 7.06 6.05
N LEU A 247 10.49 5.72 6.13
CA LEU A 247 10.42 5.05 7.42
C LEU A 247 11.71 5.24 8.21
N LEU A 248 12.86 5.00 7.58
CA LEU A 248 14.14 5.14 8.28
C LEU A 248 14.34 6.57 8.75
N SER A 249 14.10 7.54 7.87
CA SER A 249 14.22 8.95 8.26
C SER A 249 13.33 9.24 9.47
N SER A 250 12.05 8.86 9.40
CA SER A 250 11.16 9.05 10.54
C SER A 250 11.70 8.37 11.79
N LEU A 251 12.42 7.27 11.63
CA LEU A 251 12.99 6.58 12.78
C LEU A 251 14.10 7.40 13.42
N VAL A 252 15.05 7.86 12.61
CA VAL A 252 16.12 8.71 13.12
C VAL A 252 15.52 9.93 13.84
N SER A 253 14.57 10.60 13.17
CA SER A 253 13.95 11.78 13.77
C SER A 253 13.25 11.43 15.08
N LEU A 254 12.69 10.22 15.17
CA LEU A 254 12.01 9.82 16.39
C LEU A 254 13.00 9.57 17.52
N ALA A 255 14.13 8.94 17.22
CA ALA A 255 15.15 8.75 18.24
C ALA A 255 15.70 10.09 18.74
N GLY A 256 16.11 10.96 17.82
CA GLY A 256 16.59 12.27 18.21
C GLY A 256 15.54 13.07 18.96
N SER A 257 14.26 12.84 18.66
CA SER A 257 13.20 13.59 19.33
C SER A 257 12.96 13.07 20.74
N VAL A 258 13.02 11.75 20.93
CA VAL A 258 12.91 11.20 22.28
C VAL A 258 14.10 11.64 23.12
N TYR A 259 15.28 11.72 22.52
CA TYR A 259 16.45 12.19 23.24
C TYR A 259 16.27 13.64 23.65
N LEU A 260 16.06 14.52 22.67
CA LEU A 260 15.84 15.94 22.96
C LEU A 260 14.67 16.15 23.91
N ALA A 261 13.74 15.20 23.98
CA ALA A 261 12.68 15.30 24.98
C ALA A 261 13.21 14.93 26.37
N TRP A 262 14.11 13.94 26.42
CA TRP A 262 14.86 13.69 27.64
C TRP A 262 15.69 14.90 28.05
N ILE A 263 16.01 15.79 27.12
CA ILE A 263 16.78 16.98 27.44
C ILE A 263 15.86 18.10 27.92
N LEU A 264 14.72 18.26 27.25
CA LEU A 264 13.71 19.24 27.65
C LEU A 264 13.20 18.93 29.04
N PHE A 265 12.48 17.82 29.19
CA PHE A 265 12.13 17.31 30.50
C PHE A 265 13.27 16.45 31.02
N PHE A 266 13.59 16.61 32.31
CA PHE A 266 14.58 15.80 33.02
C PHE A 266 15.96 16.46 33.05
N VAL A 267 16.16 17.51 32.25
CA VAL A 267 17.44 18.21 32.23
C VAL A 267 17.22 19.72 32.28
N LEU A 268 16.69 20.28 31.20
CA LEU A 268 16.49 21.73 31.14
C LEU A 268 15.23 22.16 31.87
N TYR A 269 14.19 21.32 31.86
CA TYR A 269 12.92 21.65 32.50
C TYR A 269 12.31 22.92 31.89
N ASP A 270 12.32 22.98 30.55
CA ASP A 270 11.74 24.09 29.80
C ASP A 270 10.66 23.52 28.89
N PHE A 271 9.40 23.72 29.27
CA PHE A 271 8.27 23.16 28.53
C PHE A 271 7.94 24.08 27.35
N CYS A 272 8.83 24.04 26.35
CA CYS A 272 8.72 24.88 25.17
C CYS A 272 7.60 24.40 24.26
N ILE A 273 6.71 25.32 23.88
CA ILE A 273 5.62 24.93 22.99
C ILE A 273 6.15 24.61 21.60
N VAL A 274 7.16 25.35 21.16
CA VAL A 274 7.77 25.07 19.86
C VAL A 274 8.30 23.64 19.82
N CYS A 275 9.16 23.30 20.78
CA CYS A 275 9.77 21.97 20.82
C CYS A 275 8.73 20.88 20.99
N ILE A 276 7.80 21.05 21.93
CA ILE A 276 6.77 20.04 22.15
C ILE A 276 5.98 19.79 20.86
N THR A 277 5.51 20.86 20.24
CA THR A 277 4.87 20.74 18.93
C THR A 277 5.73 19.94 17.96
N THR A 278 7.03 20.25 17.93
CA THR A 278 7.96 19.44 17.14
C THR A 278 7.80 17.96 17.46
N TYR A 279 7.79 17.63 18.75
CA TYR A 279 7.63 16.22 19.14
C TYR A 279 6.36 15.64 18.56
N ALA A 280 5.23 16.34 18.73
CA ALA A 280 3.97 15.83 18.20
C ALA A 280 4.06 15.57 16.70
N ILE A 281 4.65 16.52 15.96
CA ILE A 281 4.78 16.34 14.51
C ILE A 281 5.65 15.13 14.18
N ASN A 282 6.72 14.91 14.94
CA ASN A 282 7.59 13.79 14.63
C ASN A 282 6.92 12.45 14.94
N VAL A 283 6.15 12.39 16.03
CA VAL A 283 5.38 11.19 16.32
C VAL A 283 4.37 10.92 15.21
N SER A 284 3.62 11.95 14.81
CA SER A 284 2.66 11.78 13.72
C SER A 284 3.34 11.26 12.47
N LEU A 285 4.39 11.95 11.99
CA LEU A 285 5.10 11.50 10.80
C LEU A 285 5.59 10.07 10.96
N MET A 286 6.05 9.70 12.16
CA MET A 286 6.44 8.32 12.40
C MET A 286 5.28 7.37 12.16
N TRP A 287 4.10 7.72 12.66
CA TRP A 287 2.94 6.85 12.48
C TRP A 287 2.60 6.71 11.00
N LEU A 288 2.48 7.83 10.28
CA LEU A 288 2.14 7.77 8.86
C LEU A 288 3.15 6.93 8.08
N SER A 289 4.43 7.30 8.20
CA SER A 289 5.49 6.52 7.57
C SER A 289 5.35 5.03 7.88
N PHE A 290 4.97 4.70 9.12
CA PHE A 290 4.79 3.31 9.51
C PHE A 290 3.64 2.68 8.72
N ARG A 291 2.52 3.39 8.61
CA ARG A 291 1.39 2.89 7.85
C ARG A 291 1.77 2.58 6.41
N LYS A 292 2.46 3.52 5.75
CA LYS A 292 2.78 3.38 4.33
C LYS A 292 3.38 2.02 4.01
N VAL A 293 4.48 1.67 4.69
CA VAL A 293 5.18 0.42 4.39
C VAL A 293 4.25 -0.76 4.59
N GLN A 294 3.41 -0.72 5.62
CA GLN A 294 2.40 -1.76 5.81
C GLN A 294 1.48 -1.87 4.60
N GLU A 295 1.02 -0.73 4.06
CA GLU A 295 0.00 -0.77 3.01
C GLU A 295 0.57 -1.24 1.68
N ASN A 296 1.83 -0.89 1.39
CA ASN A 296 2.36 -1.23 0.07
C ASN A 296 2.45 -2.74 -0.13
N SER A 297 2.82 -3.50 0.92
CA SER A 297 2.87 -4.96 0.81
C SER A 297 1.47 -5.52 0.58
N HIS A 298 1.19 -5.92 -0.67
CA HIS A 298 -0.13 -6.33 -1.13
C HIS A 298 -0.39 -7.82 -0.95
N ASN A 299 0.21 -8.46 0.05
CA ASN A 299 0.17 -9.91 0.16
C ASN A 299 -1.21 -10.41 0.58
N VAL A 300 -1.51 -11.65 0.20
CA VAL A 300 -2.79 -12.30 0.48
C VAL A 300 -2.55 -13.42 1.48
N TYR A 301 -3.41 -13.52 2.48
CA TYR A 301 -3.23 -14.50 3.55
C TYR A 301 -4.29 -15.58 3.47
N ILE A 302 -3.83 -16.82 3.33
CA ILE A 302 -4.63 -17.98 2.94
C ILE A 302 -4.63 -19.00 4.06
N THR A 303 -5.83 -19.45 4.43
CA THR A 303 -6.07 -20.55 5.35
C THR A 303 -7.01 -21.54 4.68
N ALA A 304 -7.19 -22.70 5.32
CA ALA A 304 -8.01 -23.78 4.79
C ALA A 304 -9.37 -23.81 5.47
N ASP A 305 -10.41 -24.13 4.70
CA ASP A 305 -11.79 -24.19 5.18
C ASP A 305 -12.28 -25.64 5.07
N LYS A 306 -12.23 -26.36 6.19
CA LYS A 306 -12.63 -27.77 6.18
C LYS A 306 -14.15 -27.93 6.02
N GLN A 307 -14.92 -27.02 6.61
CA GLN A 307 -16.37 -27.13 6.53
C GLN A 307 -16.85 -27.07 5.08
N LYS A 308 -16.27 -26.19 4.28
CA LYS A 308 -16.62 -26.08 2.87
C LYS A 308 -15.70 -26.89 1.96
N ASN A 309 -14.66 -27.51 2.51
CA ASN A 309 -13.70 -28.29 1.72
C ASN A 309 -12.89 -27.40 0.76
N GLY A 310 -12.77 -26.12 1.09
CA GLY A 310 -12.02 -25.19 0.26
C GLY A 310 -11.02 -24.38 1.05
N ILE A 311 -10.95 -23.06 0.77
CA ILE A 311 -10.01 -22.18 1.45
C ILE A 311 -10.66 -20.83 1.70
N LYS A 312 -10.09 -20.09 2.65
CA LYS A 312 -10.49 -18.73 2.92
C LYS A 312 -9.24 -17.85 2.93
N ALA A 313 -9.44 -16.55 2.77
CA ALA A 313 -8.32 -15.62 2.72
C ALA A 313 -8.77 -14.26 3.19
N ASN A 314 -7.88 -13.57 3.91
CA ASN A 314 -8.14 -12.22 4.40
C ASN A 314 -6.98 -11.32 3.99
N PHE A 315 -7.29 -10.10 3.55
CA PHE A 315 -6.19 -9.19 3.26
C PHE A 315 -6.77 -7.83 2.91
N LYS A 316 -5.92 -6.81 2.96
CA LYS A 316 -6.32 -5.44 2.69
C LYS A 316 -5.54 -4.88 1.51
N ILE A 317 -6.18 -4.02 0.73
CA ILE A 317 -5.61 -3.44 -0.47
C ILE A 317 -5.61 -1.93 -0.32
N ARG A 318 -4.47 -1.30 -0.60
CA ARG A 318 -4.36 0.15 -0.59
C ARG A 318 -4.58 0.67 -2.00
N HIS A 319 -5.40 1.71 -2.12
CA HIS A 319 -5.65 2.38 -3.39
C HIS A 319 -5.33 3.85 -3.22
N ASN A 320 -4.36 4.35 -3.97
CA ASN A 320 -3.90 5.72 -3.81
C ASN A 320 -4.93 6.69 -4.38
N VAL A 321 -5.50 7.54 -3.51
CA VAL A 321 -6.43 8.58 -3.95
C VAL A 321 -5.65 9.76 -4.51
N GLU A 322 -6.32 10.55 -5.34
CA GLU A 322 -5.65 11.62 -6.07
C GLU A 322 -5.32 12.84 -5.22
N ASP A 323 -5.85 12.93 -4.00
CA ASP A 323 -5.61 14.07 -3.12
C ASP A 323 -4.52 13.81 -2.08
N GLY A 324 -3.97 12.60 -2.03
CA GLY A 324 -2.87 12.28 -1.14
C GLY A 324 -3.22 11.26 -0.07
N SER A 325 -4.48 10.89 0.06
CA SER A 325 -4.91 9.91 1.05
C SER A 325 -4.88 8.51 0.42
N VAL A 326 -5.38 7.51 1.16
CA VAL A 326 -5.35 6.13 0.71
C VAL A 326 -6.68 5.48 1.06
N GLN A 327 -7.40 5.04 0.03
CA GLN A 327 -8.62 4.27 0.22
C GLN A 327 -8.26 2.81 0.54
N LEU A 328 -8.64 2.36 1.73
CA LEU A 328 -8.41 0.98 2.15
C LEU A 328 -9.55 0.10 1.66
N ALA A 329 -9.22 -1.15 1.34
CA ALA A 329 -10.20 -2.12 0.84
C ALA A 329 -9.99 -3.44 1.57
N ASP A 330 -10.89 -3.76 2.49
CA ASP A 330 -10.84 -5.02 3.22
C ASP A 330 -11.41 -6.15 2.36
N HIS A 331 -10.72 -7.28 2.35
CA HIS A 331 -10.99 -8.39 1.45
C HIS A 331 -11.18 -9.66 2.27
N TYR A 332 -12.41 -10.17 2.24
CA TYR A 332 -12.72 -11.52 2.69
C TYR A 332 -12.99 -12.40 1.47
N GLN A 333 -12.39 -13.59 1.46
CA GLN A 333 -12.45 -14.45 0.29
C GLN A 333 -12.70 -15.90 0.68
N GLN A 334 -13.52 -16.58 -0.13
CA GLN A 334 -13.81 -18.01 0.01
C GLN A 334 -13.67 -18.69 -1.33
N ASN A 335 -13.20 -19.94 -1.31
CA ASN A 335 -13.06 -20.75 -2.52
C ASN A 335 -13.51 -22.17 -2.22
N THR A 336 -14.55 -22.62 -2.92
CA THR A 336 -15.08 -23.97 -2.75
C THR A 336 -15.01 -24.72 -4.07
N PRO A 337 -14.43 -25.91 -4.11
CA PRO A 337 -14.28 -26.62 -5.38
C PRO A 337 -15.62 -26.99 -5.98
N ILE A 338 -15.58 -27.37 -7.27
CA ILE A 338 -16.78 -27.78 -7.98
C ILE A 338 -16.85 -29.29 -8.18
N GLY A 339 -15.73 -29.99 -8.12
CA GLY A 339 -15.72 -31.42 -8.31
C GLY A 339 -15.03 -32.17 -7.20
N ASP A 340 -13.70 -32.22 -7.23
CA ASP A 340 -12.91 -32.91 -6.22
C ASP A 340 -11.61 -32.14 -6.01
N GLY A 341 -11.30 -31.85 -4.76
CA GLY A 341 -10.20 -30.97 -4.43
C GLY A 341 -8.94 -31.70 -4.01
N PRO A 342 -8.03 -30.97 -3.37
CA PRO A 342 -6.77 -31.60 -2.95
C PRO A 342 -6.99 -32.58 -1.81
N VAL A 343 -6.31 -33.73 -1.92
CA VAL A 343 -6.35 -34.72 -0.84
C VAL A 343 -5.96 -34.10 0.50
N LEU A 344 -5.21 -33.01 0.50
CA LEU A 344 -4.98 -32.24 1.72
C LEU A 344 -5.11 -30.75 1.40
N LEU A 345 -5.85 -30.02 2.24
CA LEU A 345 -5.97 -28.59 2.03
C LEU A 345 -4.72 -27.88 2.53
N PRO A 346 -4.41 -26.71 1.98
CA PRO A 346 -3.12 -26.08 2.27
C PRO A 346 -3.04 -25.56 3.69
N ASP A 347 -1.84 -25.66 4.27
CA ASP A 347 -1.56 -24.99 5.53
C ASP A 347 -1.58 -23.48 5.31
N ASN A 348 -1.46 -22.73 6.41
CA ASN A 348 -1.44 -21.28 6.30
C ASN A 348 -0.29 -20.83 5.41
N HIS A 349 -0.56 -19.91 4.48
CA HIS A 349 0.51 -19.36 3.66
C HIS A 349 -0.05 -18.16 2.90
N TYR A 350 0.84 -17.42 2.23
CA TYR A 350 0.44 -16.18 1.60
C TYR A 350 0.95 -16.10 0.16
N LEU A 351 0.32 -15.19 -0.59
CA LEU A 351 0.62 -14.95 -2.00
C LEU A 351 1.04 -13.49 -2.16
N SER A 352 2.29 -13.28 -2.57
CA SER A 352 2.80 -11.95 -2.88
C SER A 352 2.46 -11.62 -4.33
N THR A 353 1.77 -10.49 -4.53
CA THR A 353 1.29 -10.07 -5.84
C THR A 353 1.83 -8.68 -6.17
N GLN A 354 2.44 -8.57 -7.34
CA GLN A 354 2.91 -7.29 -7.88
C GLN A 354 2.12 -7.00 -9.15
N SER A 355 1.34 -5.91 -9.12
CA SER A 355 0.50 -5.52 -10.24
C SER A 355 1.09 -4.30 -10.95
N VAL A 356 0.83 -4.21 -12.25
CA VAL A 356 1.27 -3.09 -13.07
C VAL A 356 0.15 -2.79 -14.05
N LEU A 357 -0.53 -1.65 -13.85
CA LEU A 357 -1.57 -1.21 -14.75
C LEU A 357 -0.99 -0.25 -15.78
N SER A 358 -1.42 -0.38 -17.03
CA SER A 358 -0.94 0.46 -18.11
C SER A 358 -2.08 0.65 -19.10
N LYS A 359 -1.85 1.52 -20.09
CA LYS A 359 -2.87 1.88 -21.07
C LYS A 359 -2.43 1.43 -22.46
N ASP A 360 -3.40 1.36 -23.36
CA ASP A 360 -3.17 1.01 -24.76
C ASP A 360 -3.38 2.25 -25.61
N PRO A 361 -2.32 2.84 -26.17
CA PRO A 361 -2.48 4.11 -26.91
C PRO A 361 -3.35 3.99 -28.15
N ASN A 362 -3.79 2.79 -28.49
CA ASN A 362 -4.62 2.58 -29.66
C ASN A 362 -6.08 2.25 -29.32
N GLU A 363 -6.41 2.11 -28.05
CA GLU A 363 -7.74 1.68 -27.63
C GLU A 363 -8.63 2.90 -27.42
N LYS A 364 -9.69 3.01 -28.22
CA LYS A 364 -10.63 4.13 -28.09
C LYS A 364 -11.62 3.93 -26.95
N ARG A 365 -11.80 2.71 -26.48
CA ARG A 365 -12.76 2.39 -25.44
C ARG A 365 -12.10 2.35 -24.07
N ASP A 366 -12.94 2.47 -23.04
CA ASP A 366 -12.47 2.41 -21.66
C ASP A 366 -11.90 1.02 -21.38
N HIS A 367 -10.64 0.95 -20.95
CA HIS A 367 -9.93 -0.31 -20.88
C HIS A 367 -8.90 -0.26 -19.76
N MET A 368 -8.12 -1.35 -19.68
CA MET A 368 -7.00 -1.45 -18.75
C MET A 368 -6.11 -2.59 -19.19
N VAL A 369 -4.81 -2.34 -19.28
CA VAL A 369 -3.82 -3.37 -19.52
C VAL A 369 -3.20 -3.76 -18.18
N LEU A 370 -3.20 -5.05 -17.88
CA LEU A 370 -2.77 -5.54 -16.58
C LEU A 370 -1.65 -6.56 -16.75
N LEU A 371 -0.50 -6.26 -16.13
CA LEU A 371 0.57 -7.24 -15.91
C LEU A 371 0.59 -7.59 -14.44
N GLU A 372 0.87 -8.86 -14.12
CA GLU A 372 0.82 -9.29 -12.74
C GLU A 372 1.80 -10.43 -12.50
N PHE A 373 2.42 -10.41 -11.31
CA PHE A 373 3.37 -11.44 -10.89
C PHE A 373 2.95 -11.92 -9.49
N VAL A 374 2.61 -13.20 -9.38
CA VAL A 374 2.17 -13.76 -8.10
C VAL A 374 3.09 -14.92 -7.74
N THR A 375 3.59 -14.90 -6.51
CA THR A 375 4.42 -15.98 -5.98
C THR A 375 3.86 -16.39 -4.61
N ALA A 376 4.24 -17.58 -4.17
CA ALA A 376 3.74 -18.15 -2.94
C ALA A 376 4.86 -18.22 -1.90
N ALA A 377 4.51 -17.96 -0.64
CA ALA A 377 5.46 -18.01 0.46
C ALA A 377 4.70 -18.28 1.75
N GLY A 378 5.43 -18.25 2.86
CA GLY A 378 4.87 -18.57 4.16
C GLY A 378 5.18 -19.95 4.68
N ILE A 379 5.87 -20.79 3.91
CA ILE A 379 6.25 -22.12 4.36
C ILE A 379 7.70 -22.38 3.99
N THR A 380 8.60 -22.32 4.98
CA THR A 380 10.01 -22.53 4.71
C THR A 380 10.29 -23.97 4.28
N HIS A 381 11.40 -24.16 3.57
CA HIS A 381 11.76 -25.49 3.08
C HIS A 381 12.27 -26.35 4.24
N HIS A 382 11.74 -27.56 4.34
CA HIS A 382 12.15 -28.47 5.40
C HIS A 382 13.56 -28.99 5.23
C1 UAV B . 15.40 20.84 21.50
C2 UAV B . 15.86 20.50 22.77
C6 UAV B . 16.06 21.78 20.75
C7 UAV B . 13.60 22.36 17.79
C8 UAV B . 14.16 21.39 16.76
O8 UAV B . 16.24 22.34 18.46
O7 UAV B . 13.91 19.05 21.32
C5 UAV B . 17.18 22.43 21.25
C4 UAV B . 17.64 22.10 22.54
C3 UAV B . 16.98 21.14 23.29
C10 UAV B . 14.17 20.27 14.54
C11 UAV B . 13.96 18.83 15.02
C12 UAV B . 14.09 17.86 13.86
C13 UAV B . 14.92 16.63 14.21
C14 UAV B . 15.08 15.75 12.97
C15 UAV B . 14.19 20.17 20.93
C16 UAV B . 13.34 20.84 19.88
C17 UAV B . 14.00 22.09 19.25
C18 UAV B . 15.50 22.09 19.40
C19 UAV B . 16.24 14.78 13.09
C20 UAV B . 16.24 13.80 11.93
C23 UAV B . 12.95 19.74 18.88
C24 UAV B . 12.37 22.04 15.17
C25 UAV B . 14.30 15.84 15.36
C9 UAV B . 13.59 21.25 15.55
O19 UAV B . 13.49 23.22 19.96
H2 UAV B . 15.34 19.75 23.36
H71 UAV B . 12.50 22.33 17.72
H7 UAV B . 13.91 23.36 17.52
H8 UAV B . 15.03 20.81 17.01
H5 UAV B . 17.69 23.18 20.67
H4 UAV B . 18.52 22.60 22.93
H3 UAV B . 17.34 20.89 24.28
H101 UAV B . 13.68 20.41 13.58
H10 UAV B . 15.24 20.47 14.41
H111 UAV B . 14.70 18.60 15.78
H11 UAV B . 12.97 18.74 15.46
H121 UAV B . 13.10 17.53 13.55
H12 UAV B . 14.55 18.37 13.00
H13 UAV B . 15.93 16.97 14.52
H141 UAV B . 14.15 15.20 12.81
H14 UAV B . 15.23 16.39 12.10
H16 UAV B . 12.42 21.18 20.36
H191 UAV B . 17.18 15.33 13.10
H19 UAV B . 16.16 14.23 14.03
H201 UAV B . 16.66 14.28 11.03
H232 UAV B . 13.81 19.40 18.36
H23 UAV B . 12.26 20.12 18.19
H231 UAV B . 12.51 18.93 19.41
H241 UAV B . 12.08 21.79 14.19
H242 UAV B . 12.60 23.08 15.23
H24 UAV B . 11.58 21.82 15.85
H251 UAV B . 13.33 15.52 15.07
H252 UAV B . 14.23 16.46 16.21
H25 UAV B . 14.91 15.00 15.58
HO19 UAV B . 13.74 23.15 20.89
H20 UAV B . 16.87 12.93 12.17
#